data_6H9O
#
_entry.id   6H9O
#
_cell.length_a   117.221
_cell.length_b   48.011
_cell.length_c   131.619
_cell.angle_alpha   90.00
_cell.angle_beta   112.40
_cell.angle_gamma   90.00
#
_symmetry.space_group_name_H-M   'C 1 2 1'
#
loop_
_entity.id
_entity.type
_entity.pdbx_description
1 polymer 'Cell division protein FtsQ'
2 polymer 'Cell division protein FtsB'
#
loop_
_entity_poly.entity_id
_entity_poly.type
_entity_poly.pdbx_seq_one_letter_code
_entity_poly.pdbx_strand_id
1 'polypeptide(L)'
;MSKLVLTGERHYTRNDDIRQSILALGEPGTFMTQDVNIIQTQIEQRLPWIKQVSVRKQWPDELKIHLVEYVPIARWNDQH
MVDAEGNTFSVPPERTSKQVLPMLYGPEGSANEVLQGYREMGQMLAKDRFTLKEAAMTARRSWQLTLNNDIKLNLGRGDT
MKRLARFVELYPVLQQQAQTDGKRISYVDLRYDSGAAVGWAPLPPEESTQQQNQAQAEQQGSHHHHHH
;
A,C
2 'polypeptide(L)' QEALEERARNELS(NLE)TRPGETFYRL B,D
#
# COMPACT_ATOMS: atom_id res chain seq x y z
N SER A 2 32.63 14.95 -20.47
CA SER A 2 32.08 14.84 -19.12
C SER A 2 31.20 16.06 -18.74
N LYS A 3 30.83 16.88 -19.72
CA LYS A 3 29.91 17.99 -19.47
C LYS A 3 28.58 17.43 -18.95
N LEU A 4 28.04 18.07 -17.91
CA LEU A 4 27.14 17.41 -16.97
C LEU A 4 25.79 18.07 -16.90
N VAL A 5 24.73 17.29 -17.04
CA VAL A 5 23.36 17.78 -16.89
C VAL A 5 22.67 16.86 -15.91
N LEU A 6 22.29 17.39 -14.76
CA LEU A 6 21.60 16.62 -13.73
C LEU A 6 20.12 16.95 -13.73
N THR A 7 19.30 15.91 -13.75
CA THR A 7 17.87 16.01 -13.55
C THR A 7 17.50 15.32 -12.25
N GLY A 8 16.40 15.73 -11.64
CA GLY A 8 16.01 15.16 -10.37
C GLY A 8 15.77 16.16 -9.25
N GLU A 9 15.03 15.75 -8.22
CA GLU A 9 14.68 16.61 -7.10
C GLU A 9 15.83 16.63 -6.08
N ARG A 10 16.84 17.45 -6.36
CA ARG A 10 17.99 17.61 -5.46
C ARG A 10 17.58 18.37 -4.22
N HIS A 11 17.91 17.83 -3.04
CA HIS A 11 17.85 18.70 -1.88
C HIS A 11 19.17 18.68 -1.12
N TYR A 12 19.79 17.50 -1.06
CA TYR A 12 21.05 17.34 -0.37
C TYR A 12 22.25 17.29 -1.31
N THR A 13 22.13 16.68 -2.49
CA THR A 13 23.29 16.51 -3.37
C THR A 13 23.63 17.79 -4.15
N ARG A 14 24.83 18.32 -3.88
CA ARG A 14 25.45 19.37 -4.69
C ARG A 14 26.02 18.83 -5.99
N ASN A 15 25.93 19.65 -7.04
CA ASN A 15 26.72 19.45 -8.26
C ASN A 15 28.10 18.90 -7.97
N ASP A 16 28.84 19.55 -7.07
CA ASP A 16 30.22 19.16 -6.87
C ASP A 16 30.35 17.75 -6.30
N ASP A 17 29.27 17.19 -5.75
CA ASP A 17 29.33 15.79 -5.36
C ASP A 17 29.37 14.90 -6.59
N ILE A 18 28.56 15.22 -7.59
CA ILE A 18 28.60 14.49 -8.85
C ILE A 18 29.88 14.77 -9.61
N ARG A 19 30.33 16.02 -9.58
CA ARG A 19 31.58 16.30 -10.29
C ARG A 19 32.70 15.52 -9.66
N GLN A 20 32.73 15.46 -8.32
CA GLN A 20 33.88 14.82 -7.69
C GLN A 20 33.75 13.31 -7.67
N SER A 21 32.56 12.78 -7.91
CA SER A 21 32.44 11.35 -8.07
C SER A 21 32.95 10.93 -9.44
N ILE A 22 32.66 11.70 -10.47
CA ILE A 22 33.16 11.38 -11.81
C ILE A 22 34.67 11.62 -11.90
N LEU A 23 35.12 12.77 -11.40
CA LEU A 23 36.57 13.02 -11.37
C LEU A 23 37.31 11.96 -10.56
N ALA A 24 36.64 11.34 -9.59
CA ALA A 24 37.30 10.35 -8.74
C ALA A 24 37.78 9.15 -9.53
N LEU A 25 37.13 8.83 -10.64
CA LEU A 25 37.53 7.65 -11.40
C LEU A 25 38.80 7.86 -12.21
N GLY A 26 39.19 9.10 -12.48
CA GLY A 26 40.37 9.37 -13.28
C GLY A 26 40.03 9.78 -14.70
N GLN A 34 34.55 6.95 -20.32
CA GLN A 34 34.30 5.94 -19.30
C GLN A 34 32.90 5.33 -19.50
N ASP A 35 32.48 4.46 -18.56
CA ASP A 35 31.30 3.63 -18.70
C ASP A 35 30.19 4.05 -17.73
N VAL A 36 28.96 4.07 -18.25
CA VAL A 36 27.75 4.56 -17.58
C VAL A 36 27.38 3.68 -16.38
N ASN A 37 27.75 2.41 -16.42
CA ASN A 37 27.44 1.58 -15.26
C ASN A 37 28.41 1.87 -14.12
N ILE A 38 29.69 2.02 -14.45
CA ILE A 38 30.70 2.26 -13.42
C ILE A 38 30.40 3.54 -12.65
N ILE A 39 29.94 4.59 -13.34
CA ILE A 39 29.78 5.87 -12.66
C ILE A 39 28.47 5.91 -11.86
N GLN A 40 27.42 5.27 -12.36
CA GLN A 40 26.20 5.12 -11.58
C GLN A 40 26.48 4.48 -10.24
N THR A 41 27.16 3.33 -10.25
CA THR A 41 27.55 2.65 -9.02
C THR A 41 28.44 3.54 -8.17
N GLN A 42 29.30 4.34 -8.81
CA GLN A 42 30.24 5.14 -8.04
C GLN A 42 29.57 6.33 -7.39
N ILE A 43 28.51 6.87 -8.03
CA ILE A 43 27.69 7.89 -7.40
C ILE A 43 26.96 7.31 -6.22
N GLU A 44 26.40 6.11 -6.41
CA GLU A 44 25.81 5.34 -5.32
C GLU A 44 26.78 5.20 -4.16
N GLN A 45 28.02 4.85 -4.45
CA GLN A 45 28.94 4.49 -3.39
C GLN A 45 29.52 5.68 -2.67
N ARG A 46 29.45 6.85 -3.26
CA ARG A 46 30.05 8.00 -2.60
C ARG A 46 29.03 8.92 -2.00
N LEU A 47 27.77 8.79 -2.42
CA LEU A 47 26.68 9.61 -1.92
C LEU A 47 25.72 8.66 -1.26
N PRO A 48 25.78 8.52 0.07
CA PRO A 48 24.93 7.52 0.72
C PRO A 48 23.51 7.99 0.90
N TRP A 49 23.17 9.20 0.47
CA TRP A 49 21.79 9.62 0.50
C TRP A 49 21.11 9.50 -0.85
N ILE A 50 21.78 8.93 -1.83
CA ILE A 50 21.16 8.63 -3.12
C ILE A 50 20.49 7.28 -2.99
N LYS A 51 19.21 7.22 -3.35
CA LYS A 51 18.45 5.96 -3.40
C LYS A 51 18.45 5.35 -4.80
N GLN A 52 18.34 6.19 -5.84
CA GLN A 52 18.38 5.74 -7.23
C GLN A 52 19.15 6.77 -8.03
N VAL A 53 19.89 6.30 -9.04
CA VAL A 53 20.59 7.18 -9.97
C VAL A 53 20.69 6.47 -11.31
N SER A 54 20.26 7.15 -12.38
CA SER A 54 20.41 6.62 -13.73
C SER A 54 21.19 7.62 -14.56
N VAL A 55 22.16 7.11 -15.31
CA VAL A 55 23.15 7.90 -16.00
C VAL A 55 23.10 7.59 -17.50
N ARG A 56 22.46 8.45 -18.27
CA ARG A 56 22.35 8.24 -19.70
C ARG A 56 23.37 9.11 -20.41
N LYS A 57 24.10 8.52 -21.37
CA LYS A 57 25.07 9.29 -22.15
C LYS A 57 24.41 9.86 -23.40
N GLN A 58 24.98 10.96 -23.88
CA GLN A 58 24.27 11.85 -24.80
C GLN A 58 25.29 12.63 -25.63
N TRP A 59 25.17 12.55 -26.94
CA TRP A 59 26.10 13.31 -27.77
C TRP A 59 25.67 14.77 -27.79
N PRO A 60 26.60 15.74 -27.79
CA PRO A 60 28.07 15.82 -27.93
C PRO A 60 28.92 15.15 -26.85
N ASP A 61 29.10 15.82 -25.71
CA ASP A 61 29.98 15.35 -24.66
C ASP A 61 29.27 15.43 -23.32
N GLU A 62 28.06 14.88 -23.25
CA GLU A 62 27.21 15.07 -22.09
C GLU A 62 26.85 13.75 -21.41
N LEU A 63 26.69 13.87 -20.09
CA LEU A 63 26.24 12.82 -19.18
C LEU A 63 24.98 13.37 -18.53
N LYS A 64 23.84 12.75 -18.82
CA LYS A 64 22.59 13.21 -18.23
C LYS A 64 22.29 12.23 -17.10
N ILE A 65 22.13 12.78 -15.90
CA ILE A 65 22.10 11.98 -14.69
C ILE A 65 20.78 12.21 -13.99
N HIS A 66 20.03 11.14 -13.76
CA HIS A 66 18.81 11.27 -12.97
C HIS A 66 19.09 10.87 -11.52
N LEU A 67 18.69 11.73 -10.59
CA LEU A 67 18.95 11.55 -9.19
C LEU A 67 17.63 11.38 -8.45
N VAL A 68 17.54 10.33 -7.64
CA VAL A 68 16.51 10.24 -6.61
C VAL A 68 17.19 10.06 -5.27
N GLU A 69 16.85 10.94 -4.33
CA GLU A 69 17.37 10.94 -2.98
C GLU A 69 16.41 10.22 -2.06
N TYR A 70 16.93 9.78 -0.94
CA TYR A 70 16.04 9.44 0.17
C TYR A 70 15.43 10.73 0.72
N VAL A 71 14.26 10.60 1.32
CA VAL A 71 13.56 11.75 1.89
C VAL A 71 13.33 11.50 3.37
N PRO A 72 14.12 12.13 4.24
CA PRO A 72 14.01 11.81 5.65
C PRO A 72 12.65 12.24 6.18
N ILE A 73 12.05 11.33 6.93
CA ILE A 73 10.93 11.59 7.81
C ILE A 73 11.44 11.94 9.20
N ALA A 74 12.65 11.54 9.55
CA ALA A 74 13.15 11.76 10.89
C ALA A 74 14.67 11.64 10.89
N ARG A 75 15.30 12.28 11.87
CA ARG A 75 16.64 11.89 12.23
C ARG A 75 16.62 10.55 12.94
N TRP A 76 17.68 9.76 12.74
CA TRP A 76 17.74 8.40 13.23
C TRP A 76 18.99 8.21 14.08
N ASN A 77 18.79 7.76 15.31
CA ASN A 77 19.76 8.03 16.35
C ASN A 77 20.09 9.50 16.21
N ASP A 78 21.33 9.88 15.94
CA ASP A 78 21.45 11.34 15.88
C ASP A 78 22.04 11.79 14.56
N GLN A 79 23.15 11.16 14.19
CA GLN A 79 23.91 11.45 12.99
C GLN A 79 23.20 11.02 11.70
N HIS A 80 22.27 10.08 11.78
CA HIS A 80 21.68 9.44 10.61
C HIS A 80 20.25 9.92 10.37
N MET A 81 19.65 9.34 9.33
CA MET A 81 18.29 9.70 8.97
C MET A 81 17.53 8.49 8.44
N VAL A 82 16.21 8.55 8.55
CA VAL A 82 15.35 7.44 8.16
C VAL A 82 14.21 8.00 7.34
N ASP A 83 13.92 7.36 6.21
CA ASP A 83 12.80 7.80 5.38
C ASP A 83 11.50 7.05 5.76
N ALA A 84 10.39 7.45 5.11
CA ALA A 84 9.09 6.85 5.42
C ALA A 84 9.08 5.34 5.26
N GLU A 85 9.87 4.82 4.31
CA GLU A 85 9.85 3.40 3.98
C GLU A 85 10.88 2.58 4.74
N GLY A 86 11.52 3.14 5.76
CA GLY A 86 12.45 2.38 6.56
C GLY A 86 13.89 2.43 6.13
N ASN A 87 14.28 3.34 5.22
CA ASN A 87 15.66 3.38 4.78
C ASN A 87 16.50 4.22 5.75
N THR A 88 17.66 3.69 6.10
CA THR A 88 18.62 4.29 7.01
C THR A 88 19.75 4.89 6.19
N PHE A 89 19.91 6.21 6.29
CA PHE A 89 20.95 6.87 5.54
C PHE A 89 21.48 8.05 6.33
N SER A 90 22.60 8.57 5.85
CA SER A 90 23.29 9.65 6.50
C SER A 90 23.55 10.78 5.52
N VAL A 91 23.35 12.02 5.96
CA VAL A 91 23.71 13.26 5.26
C VAL A 91 24.73 13.97 6.14
N PRO A 92 25.77 14.60 5.60
CA PRO A 92 26.69 15.33 6.46
C PRO A 92 25.94 16.44 7.17
N PRO A 93 26.16 16.59 8.48
CA PRO A 93 25.31 17.51 9.27
C PRO A 93 25.23 18.91 8.72
N GLU A 94 26.31 19.41 8.09
CA GLU A 94 26.33 20.73 7.48
C GLU A 94 25.05 21.05 6.71
N ARG A 95 24.55 20.06 5.98
CA ARG A 95 23.45 20.26 5.06
C ARG A 95 22.12 19.93 5.68
N THR A 96 22.14 19.45 6.92
CA THR A 96 20.97 18.89 7.57
C THR A 96 20.40 19.77 8.67
N SER A 97 21.20 20.67 9.26
CA SER A 97 20.89 21.28 10.54
C SER A 97 19.95 22.49 10.48
N LYS A 98 19.53 22.96 9.31
CA LYS A 98 18.43 23.91 9.34
C LYS A 98 17.08 23.19 9.40
N GLN A 99 17.09 21.86 9.30
CA GLN A 99 15.85 21.11 9.33
C GLN A 99 15.42 20.81 10.76
N VAL A 100 14.11 20.86 10.98
CA VAL A 100 13.52 20.47 12.25
C VAL A 100 12.72 19.22 11.95
N LEU A 101 13.19 18.10 12.48
CA LEU A 101 12.54 16.83 12.26
C LEU A 101 12.36 16.12 13.58
N PRO A 102 11.45 15.17 13.64
CA PRO A 102 11.38 14.33 14.84
C PRO A 102 12.64 13.47 14.96
N MET A 103 12.97 13.11 16.18
CA MET A 103 14.11 12.26 16.47
C MET A 103 13.60 10.86 16.76
N LEU A 104 14.00 9.89 15.96
CA LEU A 104 13.81 8.50 16.30
C LEU A 104 15.11 7.93 16.83
N TYR A 105 14.98 6.97 17.74
CA TYR A 105 16.11 6.26 18.32
C TYR A 105 15.79 4.78 18.43
N GLY A 106 16.76 3.94 18.10
CA GLY A 106 16.64 2.53 18.29
C GLY A 106 17.99 1.83 18.22
N PRO A 107 18.04 0.57 18.64
CA PRO A 107 19.26 -0.22 18.42
C PRO A 107 19.41 -0.45 16.93
N GLU A 108 20.61 -0.89 16.52
CA GLU A 108 21.05 -0.57 15.17
C GLU A 108 20.29 -1.32 14.07
N GLY A 109 19.78 -2.51 14.35
CA GLY A 109 19.00 -2.91 13.19
C GLY A 109 17.53 -2.47 13.10
N SER A 110 17.01 -1.62 13.99
CA SER A 110 15.58 -1.60 14.33
C SER A 110 14.72 -0.51 13.65
N ALA A 111 15.26 0.27 12.71
CA ALA A 111 14.53 1.40 12.14
C ALA A 111 13.10 1.03 11.74
N ASN A 112 12.92 -0.01 10.94
CA ASN A 112 11.56 -0.36 10.55
C ASN A 112 10.67 -0.59 11.77
N GLU A 113 11.24 -1.18 12.82
CA GLU A 113 10.43 -1.48 13.99
C GLU A 113 10.10 -0.22 14.77
N VAL A 114 11.09 0.68 14.91
CA VAL A 114 10.85 1.92 15.65
C VAL A 114 9.89 2.80 14.89
N LEU A 115 10.06 2.84 13.58
CA LEU A 115 9.20 3.63 12.72
C LEU A 115 7.78 3.13 12.79
N GLN A 116 7.59 1.83 12.91
CA GLN A 116 6.23 1.34 12.98
C GLN A 116 5.55 1.82 14.25
N GLY A 117 6.23 1.69 15.38
CA GLY A 117 5.77 2.32 16.60
C GLY A 117 5.50 3.79 16.41
N TYR A 118 6.51 4.51 15.93
CA TYR A 118 6.42 5.95 15.77
C TYR A 118 5.15 6.34 15.03
N ARG A 119 4.82 5.63 13.95
CA ARG A 119 3.60 5.92 13.18
C ARG A 119 2.36 5.72 14.04
N GLU A 120 2.17 4.50 14.52
CA GLU A 120 1.01 4.19 15.35
C GLU A 120 0.84 5.22 16.45
N MET A 121 1.90 5.45 17.21
CA MET A 121 1.77 6.29 18.39
C MET A 121 1.58 7.77 18.00
N GLY A 122 2.42 8.28 17.09
CA GLY A 122 2.20 9.63 16.61
C GLY A 122 0.80 9.85 16.05
N GLN A 123 0.26 8.84 15.35
CA GLN A 123 -1.06 8.98 14.77
C GLN A 123 -2.13 9.07 15.85
N MET A 124 -2.10 8.15 16.82
CA MET A 124 -2.98 8.26 17.98
C MET A 124 -2.91 9.65 18.58
N LEU A 125 -1.68 10.12 18.87
CA LEU A 125 -1.51 11.38 19.59
C LEU A 125 -2.02 12.56 18.76
N ALA A 126 -1.84 12.49 17.43
CA ALA A 126 -2.38 13.49 16.52
C ALA A 126 -3.90 13.69 16.69
N LYS A 127 -4.64 12.60 16.94
CA LYS A 127 -6.09 12.68 17.09
C LYS A 127 -6.52 13.60 18.23
N ASP A 128 -5.61 13.99 19.12
CA ASP A 128 -5.89 15.04 20.11
C ASP A 128 -4.75 16.06 20.11
N ARG A 129 -4.14 16.29 18.95
CA ARG A 129 -3.29 17.45 18.75
C ARG A 129 -2.00 17.42 19.58
N PHE A 130 -1.63 16.28 20.17
CA PHE A 130 -0.28 16.10 20.68
C PHE A 130 0.61 15.63 19.54
N THR A 131 1.78 16.23 19.38
CA THR A 131 2.70 15.74 18.36
C THR A 131 4.04 15.27 18.95
N LEU A 132 4.56 14.19 18.35
CA LEU A 132 5.79 13.52 18.79
C LEU A 132 7.05 14.24 18.32
N LYS A 133 7.86 14.73 19.25
CA LYS A 133 9.15 15.32 18.92
C LYS A 133 10.28 14.28 18.88
N GLU A 134 10.30 13.35 19.82
CA GLU A 134 11.26 12.26 19.80
C GLU A 134 10.51 10.98 20.12
N ALA A 135 11.02 9.86 19.61
CA ALA A 135 10.57 8.54 20.04
C ALA A 135 11.78 7.62 20.12
N ALA A 136 11.94 6.97 21.26
CA ALA A 136 13.14 6.21 21.52
C ALA A 136 12.75 4.81 21.97
N MET A 137 13.10 3.83 21.17
CA MET A 137 13.05 2.42 21.57
C MET A 137 14.44 1.95 22.01
N THR A 138 14.46 1.25 23.12
CA THR A 138 15.67 0.69 23.68
C THR A 138 15.85 -0.73 23.18
N ALA A 139 17.06 -1.28 23.40
CA ALA A 139 17.33 -2.68 23.08
C ALA A 139 16.23 -3.57 23.65
N ARG A 140 15.90 -3.36 24.95
CA ARG A 140 14.85 -4.07 25.69
C ARG A 140 13.48 -3.96 25.06
N ARG A 141 13.28 -3.03 24.13
CA ARG A 141 11.98 -2.69 23.58
C ARG A 141 11.09 -1.92 24.57
N SER A 142 11.70 -1.17 25.48
CA SER A 142 10.98 -0.17 26.23
C SER A 142 10.96 1.15 25.43
N TRP A 143 9.86 1.91 25.56
CA TRP A 143 9.60 3.08 24.72
C TRP A 143 9.43 4.34 25.54
N GLN A 144 10.18 5.38 25.21
CA GLN A 144 10.08 6.65 25.90
C GLN A 144 9.82 7.78 24.88
N LEU A 145 8.65 8.42 24.93
CA LEU A 145 8.33 9.46 23.95
C LEU A 145 8.52 10.87 24.50
N THR A 146 8.77 11.81 23.59
CA THR A 146 8.81 13.23 23.92
C THR A 146 7.79 13.97 23.09
N LEU A 147 6.88 14.70 23.75
CA LEU A 147 5.97 15.54 22.98
C LEU A 147 6.64 16.87 22.59
N ASN A 148 6.07 17.49 21.55
CA ASN A 148 6.44 18.86 21.19
C ASN A 148 6.54 19.80 22.40
N ASN A 149 5.59 19.75 23.33
CA ASN A 149 5.70 20.61 24.50
C ASN A 149 6.77 20.15 25.52
N ASP A 150 7.66 19.23 25.14
CA ASP A 150 8.76 18.66 25.93
C ASP A 150 8.36 17.78 27.12
N ILE A 151 7.08 17.51 27.34
CA ILE A 151 6.65 16.44 28.20
C ILE A 151 7.21 15.11 27.69
N LYS A 152 7.93 14.38 28.56
CA LYS A 152 8.38 13.02 28.25
C LYS A 152 7.38 11.99 28.75
N LEU A 153 6.99 11.06 27.90
CA LEU A 153 6.13 9.96 28.31
C LEU A 153 6.96 8.68 28.39
N ASN A 154 6.90 8.01 29.53
CA ASN A 154 7.61 6.75 29.76
C ASN A 154 6.62 5.62 29.60
N LEU A 155 6.74 4.85 28.50
CA LEU A 155 5.78 3.81 28.16
C LEU A 155 6.21 2.39 28.58
N GLY A 156 7.47 2.14 28.92
CA GLY A 156 7.95 0.77 29.19
C GLY A 156 7.72 -0.14 27.98
N ARG A 157 7.54 -1.44 28.25
CA ARG A 157 7.50 -2.45 27.18
C ARG A 157 6.10 -2.91 26.83
N GLY A 158 5.11 -2.57 27.62
CA GLY A 158 3.84 -3.24 27.54
C GLY A 158 2.92 -2.81 26.43
N ASP A 159 1.64 -2.66 26.77
CA ASP A 159 0.69 -2.04 25.87
C ASP A 159 1.02 -0.56 25.86
N THR A 160 1.70 -0.13 24.80
CA THR A 160 2.04 1.28 24.71
C THR A 160 0.82 2.11 24.30
N MET A 161 -0.03 1.55 23.43
CA MET A 161 -1.23 2.27 23.03
C MET A 161 -2.12 2.49 24.24
N LYS A 162 -2.35 1.45 25.03
CA LYS A 162 -3.26 1.62 26.16
C LYS A 162 -2.74 2.66 27.14
N ARG A 163 -1.42 2.67 27.35
CA ARG A 163 -0.83 3.61 28.28
C ARG A 163 -0.85 5.02 27.71
N LEU A 164 -0.75 5.12 26.39
CA LEU A 164 -0.82 6.41 25.74
C LEU A 164 -2.22 6.99 25.84
N ALA A 165 -3.25 6.16 25.64
CA ALA A 165 -4.62 6.59 25.91
C ALA A 165 -4.76 7.09 27.33
N ARG A 166 -4.16 6.40 28.29
CA ARG A 166 -4.22 6.92 29.65
C ARG A 166 -3.73 8.36 29.68
N PHE A 167 -2.59 8.61 29.04
CA PHE A 167 -2.04 9.95 29.09
C PHE A 167 -3.04 10.96 28.55
N VAL A 168 -3.70 10.62 27.45
CA VAL A 168 -4.56 11.59 26.80
C VAL A 168 -5.81 11.83 27.65
N GLU A 169 -6.43 10.73 28.12
CA GLU A 169 -7.58 10.83 29.02
C GLU A 169 -7.26 11.62 30.27
N LEU A 170 -6.02 11.55 30.73
CA LEU A 170 -5.64 12.15 32.00
C LEU A 170 -4.96 13.50 31.83
N TYR A 171 -4.69 13.93 30.61
CA TYR A 171 -3.91 15.16 30.45
C TYR A 171 -4.62 16.39 30.98
N PRO A 172 -5.91 16.65 30.65
CA PRO A 172 -6.58 17.88 31.15
C PRO A 172 -6.41 18.10 32.64
N VAL A 173 -6.68 17.06 33.45
CA VAL A 173 -6.60 17.24 34.89
C VAL A 173 -5.17 17.53 35.33
N LEU A 174 -4.18 17.13 34.53
CA LEU A 174 -2.80 17.50 34.84
C LEU A 174 -2.52 18.95 34.47
N GLN A 175 -3.20 19.45 33.43
CA GLN A 175 -2.89 20.79 32.97
C GLN A 175 -3.48 21.84 33.88
N GLN A 176 -4.68 21.60 34.41
CA GLN A 176 -5.23 22.47 35.46
C GLN A 176 -4.44 22.33 36.75
N GLN A 177 -4.05 21.10 37.09
CA GLN A 177 -3.18 20.89 38.24
C GLN A 177 -1.86 21.65 38.07
N ALA A 178 -1.30 21.60 36.87
CA ALA A 178 -0.06 22.32 36.64
C ALA A 178 -0.28 23.81 36.70
N GLN A 179 -1.41 24.28 36.13
CA GLN A 179 -1.78 25.70 36.14
C GLN A 179 -1.85 26.23 37.57
N THR A 180 -2.73 25.64 38.39
CA THR A 180 -2.86 25.96 39.80
C THR A 180 -1.53 26.14 40.52
N ASP A 181 -0.71 25.09 40.57
CA ASP A 181 0.53 25.15 41.33
C ASP A 181 1.64 25.89 40.58
N GLY A 182 1.31 26.48 39.44
CA GLY A 182 2.24 27.27 38.66
C GLY A 182 3.50 26.53 38.32
N LYS A 183 3.37 25.40 37.62
CA LYS A 183 4.50 24.51 37.34
C LYS A 183 4.19 23.76 36.05
N ARG A 184 5.25 23.35 35.35
CA ARG A 184 5.07 22.60 34.12
C ARG A 184 5.08 21.10 34.39
N ILE A 185 4.40 20.36 33.52
CA ILE A 185 4.50 18.91 33.49
C ILE A 185 5.86 18.55 32.91
N SER A 186 6.65 17.79 33.66
CA SER A 186 7.96 17.41 33.15
C SER A 186 7.93 16.06 32.45
N TYR A 187 7.30 15.06 33.08
CA TYR A 187 7.16 13.76 32.46
C TYR A 187 5.95 13.05 33.01
N VAL A 188 5.51 12.04 32.28
CA VAL A 188 4.46 11.16 32.78
C VAL A 188 4.93 9.72 32.59
N ASP A 189 5.00 9.00 33.71
CA ASP A 189 5.46 7.62 33.70
C ASP A 189 4.24 6.71 33.78
N LEU A 190 4.00 5.95 32.71
CA LEU A 190 2.83 5.09 32.60
C LEU A 190 3.17 3.62 32.81
N ARG A 191 4.25 3.31 33.51
CA ARG A 191 4.58 1.91 33.77
C ARG A 191 3.81 1.37 34.98
N TYR A 192 2.48 1.31 34.83
CA TYR A 192 1.57 0.92 35.91
C TYR A 192 0.37 0.20 35.32
N ASP A 193 -0.34 -0.52 36.18
CA ASP A 193 -1.55 -1.21 35.74
C ASP A 193 -2.51 -0.22 35.13
N SER A 194 -2.89 0.75 35.92
CA SER A 194 -4.02 1.61 35.63
C SER A 194 -3.70 3.05 35.95
N GLY A 195 -2.47 3.34 36.34
CA GLY A 195 -2.16 4.66 36.80
C GLY A 195 -1.06 5.33 36.03
N ALA A 196 -0.59 6.45 36.56
CA ALA A 196 0.49 7.22 35.96
C ALA A 196 1.12 8.09 37.03
N ALA A 197 2.45 8.20 37.00
CA ALA A 197 3.18 9.09 37.88
C ALA A 197 3.66 10.31 37.10
N VAL A 198 3.50 11.50 37.69
CA VAL A 198 3.76 12.75 36.97
C VAL A 198 4.86 13.51 37.68
N GLY A 199 5.95 13.78 36.96
CA GLY A 199 7.05 14.59 37.47
C GLY A 199 6.86 16.04 37.03
N TRP A 200 7.10 16.95 37.95
CA TRP A 200 6.87 18.36 37.68
C TRP A 200 8.19 19.10 37.60
N ALA A 201 8.15 20.26 36.98
CA ALA A 201 9.29 21.15 36.90
C ALA A 201 8.83 22.56 37.22
N PRO A 202 9.75 23.43 37.62
CA PRO A 202 9.43 24.87 37.65
C PRO A 202 9.14 25.40 36.24
N LEU A 203 8.35 26.47 36.19
CA LEU A 203 8.06 27.11 34.92
C LEU A 203 9.29 27.86 34.39
N PRO A 204 9.47 27.93 33.06
CA PRO A 204 10.64 28.56 32.44
C PRO A 204 10.52 30.10 32.33
N GLN B 1 17.75 -2.62 35.72
CA GLN B 1 18.15 -1.30 36.21
C GLN B 1 17.19 -0.18 35.76
N GLU B 2 17.06 -0.01 34.45
CA GLU B 2 15.80 0.51 33.98
C GLU B 2 14.75 -0.59 34.09
N ALA B 3 15.17 -1.83 33.77
CA ALA B 3 14.36 -3.00 34.04
C ALA B 3 13.84 -3.03 35.47
N LEU B 4 14.72 -2.66 36.42
CA LEU B 4 14.35 -2.65 37.84
C LEU B 4 13.30 -1.56 38.13
N GLU B 5 13.57 -0.32 37.74
CA GLU B 5 12.58 0.75 37.91
C GLU B 5 11.24 0.32 37.32
N GLU B 6 11.25 -0.16 36.07
CA GLU B 6 10.03 -0.66 35.46
C GLU B 6 9.32 -1.64 36.39
N ARG B 7 10.03 -2.60 36.96
CA ARG B 7 9.35 -3.57 37.81
C ARG B 7 8.86 -2.91 39.07
N ALA B 8 9.72 -2.09 39.67
CA ALA B 8 9.38 -1.31 40.85
C ALA B 8 8.04 -0.59 40.70
N ARG B 9 7.78 0.04 39.54
CA ARG B 9 6.52 0.79 39.31
C ARG B 9 5.37 -0.13 38.95
N ASN B 10 5.60 -1.08 38.07
CA ASN B 10 4.49 -1.89 37.57
C ASN B 10 4.01 -2.93 38.59
N GLU B 11 4.93 -3.61 39.27
CA GLU B 11 4.55 -4.70 40.16
C GLU B 11 4.24 -4.21 41.58
N LEU B 12 5.14 -3.45 42.15
CA LEU B 12 4.84 -2.61 43.30
C LEU B 12 4.47 -1.25 42.73
N SER B 13 3.51 -0.57 43.31
CA SER B 13 3.19 0.70 42.65
C SER B 13 4.06 1.81 43.20
N THR B 15 7.03 4.92 43.46
CA THR B 15 7.19 6.20 42.78
C THR B 15 8.48 6.86 43.23
N ARG B 16 8.92 7.86 42.48
CA ARG B 16 10.00 8.64 43.03
C ARG B 16 9.40 9.74 43.90
N PRO B 17 10.12 10.23 44.90
CA PRO B 17 9.51 11.19 45.82
C PRO B 17 9.43 12.57 45.14
N GLY B 18 8.25 13.17 45.22
CA GLY B 18 7.97 14.41 44.53
C GLY B 18 7.19 14.24 43.25
N GLU B 19 6.60 13.07 43.03
CA GLU B 19 5.79 12.80 41.87
C GLU B 19 4.36 12.68 42.34
N THR B 20 3.42 12.90 41.44
CA THR B 20 2.04 12.68 41.79
C THR B 20 1.54 11.45 41.05
N PHE B 21 0.84 10.60 41.77
CA PHE B 21 0.31 9.36 41.22
C PHE B 21 -1.18 9.53 41.04
N TYR B 22 -1.67 9.10 39.90
CA TYR B 22 -3.07 9.14 39.52
C TYR B 22 -3.41 7.72 39.10
N ARG B 23 -4.56 7.22 39.50
CA ARG B 23 -5.02 5.97 38.93
C ARG B 23 -6.30 6.23 38.15
N LEU B 24 -6.48 5.43 37.10
CA LEU B 24 -7.54 5.62 36.11
C LEU B 24 -8.40 4.36 36.03
N SER C 2 -53.07 1.30 -19.58
CA SER C 2 -52.09 0.81 -18.65
C SER C 2 -51.66 -0.61 -18.96
N LYS C 3 -52.27 -1.21 -19.98
CA LYS C 3 -51.80 -2.52 -20.41
C LYS C 3 -50.40 -2.40 -21.00
N LEU C 4 -49.55 -3.36 -20.65
CA LEU C 4 -48.10 -3.20 -20.66
C LEU C 4 -47.50 -4.28 -21.55
N VAL C 5 -46.65 -3.87 -22.48
CA VAL C 5 -45.99 -4.80 -23.36
C VAL C 5 -44.51 -4.44 -23.47
N LEU C 6 -43.65 -5.29 -22.96
CA LEU C 6 -42.24 -5.08 -23.19
C LEU C 6 -41.63 -6.22 -23.98
N THR C 7 -40.83 -5.80 -24.95
CA THR C 7 -40.00 -6.57 -25.82
C THR C 7 -38.53 -6.32 -25.49
N GLY C 8 -37.69 -7.26 -25.89
CA GLY C 8 -36.27 -7.20 -25.56
C GLY C 8 -35.83 -8.52 -24.95
N GLU C 9 -34.53 -8.78 -25.01
CA GLU C 9 -33.95 -10.04 -24.57
C GLU C 9 -33.77 -10.03 -23.05
N ARG C 10 -34.87 -10.35 -22.35
CA ARG C 10 -34.86 -10.41 -20.90
C ARG C 10 -34.09 -11.63 -20.42
N HIS C 11 -33.05 -11.43 -19.59
CA HIS C 11 -32.52 -12.57 -18.86
C HIS C 11 -32.37 -12.33 -17.36
N TYR C 12 -32.06 -11.10 -16.96
CA TYR C 12 -32.04 -10.73 -15.55
C TYR C 12 -33.34 -10.05 -15.15
N THR C 13 -33.95 -9.33 -16.07
CA THR C 13 -35.11 -8.50 -15.76
C THR C 13 -36.35 -9.36 -15.53
N ARG C 14 -36.92 -9.26 -14.32
CA ARG C 14 -38.17 -9.88 -13.95
C ARG C 14 -39.27 -9.11 -14.69
N ASN C 15 -40.34 -9.80 -15.11
CA ASN C 15 -41.58 -9.09 -15.42
C ASN C 15 -41.94 -8.03 -14.39
N ASP C 16 -42.13 -8.45 -13.15
CA ASP C 16 -42.64 -7.59 -12.11
C ASP C 16 -41.64 -6.50 -11.67
N ASP C 17 -40.38 -6.56 -12.13
CA ASP C 17 -39.46 -5.46 -11.86
C ASP C 17 -39.87 -4.19 -12.59
N ILE C 18 -40.25 -4.34 -13.85
CA ILE C 18 -40.80 -3.22 -14.58
C ILE C 18 -42.15 -2.84 -14.00
N ARG C 19 -42.94 -3.84 -13.64
CA ARG C 19 -44.30 -3.58 -13.18
C ARG C 19 -44.32 -2.77 -11.90
N GLN C 20 -43.50 -3.13 -10.92
CA GLN C 20 -43.53 -2.38 -9.68
C GLN C 20 -42.55 -1.20 -9.69
N SER C 21 -41.79 -1.06 -10.76
CA SER C 21 -41.07 0.19 -10.94
C SER C 21 -42.04 1.30 -11.31
N ILE C 22 -43.03 0.97 -12.13
CA ILE C 22 -44.10 1.91 -12.44
C ILE C 22 -45.06 2.02 -11.25
N LEU C 23 -45.47 0.88 -10.69
CA LEU C 23 -46.30 0.88 -9.48
C LEU C 23 -45.64 1.63 -8.33
N ALA C 24 -44.30 1.76 -8.34
CA ALA C 24 -43.65 2.52 -7.28
C ALA C 24 -44.12 3.97 -7.30
N LEU C 25 -44.45 4.50 -8.48
CA LEU C 25 -44.96 5.86 -8.58
C LEU C 25 -46.42 5.88 -8.16
N GLN C 34 -49.60 8.95 -17.91
CA GLN C 34 -48.25 9.21 -17.41
C GLN C 34 -47.34 9.75 -18.52
N ASP C 35 -46.06 9.97 -18.21
CA ASP C 35 -45.08 10.54 -19.12
C ASP C 35 -43.96 9.53 -19.37
N VAL C 36 -43.55 9.39 -20.63
CA VAL C 36 -42.62 8.32 -21.01
C VAL C 36 -41.23 8.58 -20.44
N ASN C 37 -40.86 9.86 -20.27
CA ASN C 37 -39.52 10.14 -19.76
C ASN C 37 -39.43 9.86 -18.27
N ILE C 38 -40.43 10.29 -17.49
CA ILE C 38 -40.37 10.05 -16.05
C ILE C 38 -40.18 8.58 -15.75
N ILE C 39 -40.86 7.72 -16.49
CA ILE C 39 -40.84 6.31 -16.16
C ILE C 39 -39.60 5.62 -16.74
N GLN C 40 -39.15 6.06 -17.92
CA GLN C 40 -37.90 5.52 -18.46
C GLN C 40 -36.76 5.72 -17.46
N THR C 41 -36.55 6.97 -17.00
CA THR C 41 -35.50 7.24 -16.01
C THR C 41 -35.71 6.44 -14.73
N GLN C 42 -36.96 6.20 -14.34
CA GLN C 42 -37.16 5.47 -13.09
C GLN C 42 -36.84 3.99 -13.27
N ILE C 43 -37.06 3.43 -14.47
CA ILE C 43 -36.66 2.05 -14.72
C ILE C 43 -35.14 1.93 -14.75
N GLU C 44 -34.45 2.87 -15.41
CA GLU C 44 -32.99 2.90 -15.38
C GLU C 44 -32.47 2.85 -13.95
N GLN C 45 -33.03 3.68 -13.06
CA GLN C 45 -32.43 3.91 -11.75
C GLN C 45 -32.72 2.82 -10.72
N ARG C 46 -33.72 1.97 -10.88
CA ARG C 46 -33.90 0.89 -9.92
C ARG C 46 -33.55 -0.47 -10.47
N LEU C 47 -33.34 -0.59 -11.78
CA LEU C 47 -32.79 -1.81 -12.36
C LEU C 47 -31.46 -1.41 -12.99
N PRO C 48 -30.36 -1.51 -12.24
CA PRO C 48 -29.08 -0.99 -12.73
C PRO C 48 -28.38 -1.86 -13.75
N TRP C 49 -29.01 -2.98 -14.14
CA TRP C 49 -28.46 -3.84 -15.18
C TRP C 49 -29.10 -3.58 -16.53
N ILE C 50 -29.95 -2.56 -16.62
CA ILE C 50 -30.50 -2.12 -17.89
C ILE C 50 -29.52 -1.17 -18.58
N LYS C 51 -29.18 -1.46 -19.84
CA LYS C 51 -28.30 -0.59 -20.62
C LYS C 51 -29.07 0.44 -21.43
N GLN C 52 -30.21 0.05 -21.98
CA GLN C 52 -31.01 0.87 -22.87
C GLN C 52 -32.45 0.63 -22.49
N VAL C 53 -33.25 1.69 -22.47
CA VAL C 53 -34.68 1.49 -22.28
C VAL C 53 -35.40 2.63 -22.99
N SER C 54 -36.28 2.27 -23.90
CA SER C 54 -37.11 3.22 -24.63
C SER C 54 -38.56 2.86 -24.37
N VAL C 55 -39.36 3.86 -24.06
CA VAL C 55 -40.75 3.67 -23.73
C VAL C 55 -41.55 4.52 -24.70
N ARG C 56 -42.07 3.95 -25.80
CA ARG C 56 -43.02 4.68 -26.60
C ARG C 56 -44.44 4.13 -26.34
N LYS C 57 -45.36 5.07 -26.20
CA LYS C 57 -46.78 4.82 -25.99
C LYS C 57 -47.48 4.72 -27.34
N GLN C 58 -48.65 4.11 -27.30
CA GLN C 58 -49.33 3.48 -28.42
C GLN C 58 -50.84 3.49 -28.07
N TRP C 59 -51.78 4.22 -28.93
CA TRP C 59 -53.25 4.34 -28.69
C TRP C 59 -53.89 3.04 -29.20
N PRO C 60 -54.90 2.47 -28.51
CA PRO C 60 -55.62 2.96 -27.33
C PRO C 60 -54.79 3.09 -26.09
N ASP C 61 -54.43 1.97 -25.46
CA ASP C 61 -53.94 2.07 -24.10
C ASP C 61 -52.72 1.18 -23.82
N GLU C 62 -51.66 1.26 -24.63
CA GLU C 62 -50.53 0.36 -24.43
C GLU C 62 -49.24 1.12 -24.17
N LEU C 63 -48.38 0.53 -23.33
CA LEU C 63 -47.06 1.06 -23.00
C LEU C 63 -46.06 0.02 -23.48
N LYS C 64 -45.37 0.33 -24.57
CA LYS C 64 -44.43 -0.62 -25.14
C LYS C 64 -43.02 -0.15 -24.81
N ILE C 65 -42.29 -0.97 -24.06
CA ILE C 65 -41.01 -0.61 -23.48
C ILE C 65 -39.97 -1.61 -23.95
N HIS C 66 -38.92 -1.12 -24.58
CA HIS C 66 -37.85 -1.97 -25.02
C HIS C 66 -36.74 -1.96 -23.98
N LEU C 67 -36.29 -3.14 -23.59
CA LEU C 67 -35.22 -3.31 -22.62
C LEU C 67 -34.05 -4.01 -23.27
N VAL C 68 -32.84 -3.47 -23.10
CA VAL C 68 -31.63 -4.24 -23.32
C VAL C 68 -30.80 -4.20 -22.03
N GLU C 69 -30.38 -5.36 -21.57
CA GLU C 69 -29.57 -5.48 -20.37
C GLU C 69 -28.10 -5.46 -20.75
N TYR C 70 -27.28 -5.08 -19.78
CA TYR C 70 -25.86 -5.37 -19.95
C TYR C 70 -25.67 -6.88 -19.95
N VAL C 71 -24.63 -7.34 -20.63
CA VAL C 71 -24.29 -8.75 -20.61
C VAL C 71 -22.87 -8.91 -20.07
N PRO C 72 -22.73 -9.32 -18.81
CA PRO C 72 -21.41 -9.34 -18.17
C PRO C 72 -20.49 -10.39 -18.76
N ILE C 73 -19.25 -10.01 -18.99
CA ILE C 73 -18.20 -10.99 -19.21
C ILE C 73 -17.42 -11.34 -17.94
N ALA C 74 -17.49 -10.51 -16.90
CA ALA C 74 -16.69 -10.73 -15.70
C ALA C 74 -17.36 -10.04 -14.53
N ARG C 75 -17.10 -10.57 -13.32
CA ARG C 75 -17.32 -9.78 -12.13
C ARG C 75 -16.23 -8.71 -12.01
N TRP C 76 -16.59 -7.58 -11.44
CA TRP C 76 -15.69 -6.44 -11.39
C TRP C 76 -15.56 -5.97 -9.96
N ASN C 77 -14.32 -5.84 -9.50
CA ASN C 77 -14.08 -5.88 -8.07
C ASN C 77 -14.90 -7.04 -7.52
N ASP C 78 -15.85 -6.79 -6.61
CA ASP C 78 -16.48 -8.00 -6.08
C ASP C 78 -17.99 -8.04 -6.28
N GLN C 79 -18.73 -7.05 -5.82
CA GLN C 79 -20.15 -7.07 -6.13
C GLN C 79 -20.52 -6.55 -7.51
N HIS C 80 -19.63 -5.86 -8.20
CA HIS C 80 -20.06 -5.26 -9.44
C HIS C 80 -19.70 -6.20 -10.59
N MET C 81 -20.05 -5.78 -11.80
CA MET C 81 -19.77 -6.58 -12.99
C MET C 81 -19.48 -5.66 -14.15
N VAL C 82 -18.83 -6.22 -15.17
CA VAL C 82 -18.39 -5.47 -16.33
C VAL C 82 -18.71 -6.27 -17.60
N ASP C 83 -19.22 -5.57 -18.60
CA ASP C 83 -19.59 -6.09 -19.91
C ASP C 83 -18.41 -6.08 -20.87
N ALA C 84 -18.64 -6.64 -22.05
CA ALA C 84 -17.61 -6.70 -23.10
C ALA C 84 -17.09 -5.33 -23.47
N GLU C 85 -17.93 -4.31 -23.39
CA GLU C 85 -17.48 -2.97 -23.76
C GLU C 85 -16.90 -2.22 -22.57
N GLY C 86 -16.91 -2.81 -21.37
CA GLY C 86 -16.29 -2.16 -20.24
C GLY C 86 -17.16 -1.25 -19.38
N ASN C 87 -18.48 -1.32 -19.48
CA ASN C 87 -19.30 -0.46 -18.66
C ASN C 87 -19.53 -1.07 -17.28
N THR C 88 -19.64 -0.21 -16.29
CA THR C 88 -19.72 -0.59 -14.89
C THR C 88 -21.19 -0.80 -14.49
N PHE C 89 -21.55 -2.03 -14.07
CA PHE C 89 -22.92 -2.24 -13.60
C PHE C 89 -22.98 -3.29 -12.50
N SER C 90 -24.13 -3.35 -11.84
CA SER C 90 -24.37 -4.25 -10.71
C SER C 90 -25.72 -4.95 -10.82
N VAL C 91 -25.74 -6.26 -10.53
CA VAL C 91 -26.99 -7.02 -10.40
C VAL C 91 -27.07 -7.65 -9.01
N PRO C 92 -28.25 -7.76 -8.40
CA PRO C 92 -28.36 -8.37 -7.07
C PRO C 92 -27.87 -9.81 -7.09
N PRO C 93 -27.08 -10.20 -6.10
CA PRO C 93 -26.46 -11.54 -6.13
C PRO C 93 -27.46 -12.68 -6.29
N GLU C 94 -28.72 -12.49 -5.84
CA GLU C 94 -29.76 -13.50 -5.98
C GLU C 94 -29.77 -14.10 -7.38
N ARG C 95 -29.59 -13.27 -8.40
CA ARG C 95 -29.70 -13.75 -9.77
C ARG C 95 -28.35 -14.04 -10.41
N THR C 96 -27.27 -13.73 -9.71
CA THR C 96 -25.94 -13.71 -10.31
C THR C 96 -25.12 -14.94 -9.97
N SER C 97 -25.45 -15.62 -8.87
CA SER C 97 -24.56 -16.57 -8.24
C SER C 97 -24.62 -17.97 -8.86
N LYS C 98 -25.47 -18.21 -9.85
CA LYS C 98 -25.33 -19.46 -10.59
C LYS C 98 -24.37 -19.35 -11.76
N GLN C 99 -23.91 -18.14 -12.13
CA GLN C 99 -22.83 -18.01 -13.11
C GLN C 99 -21.46 -17.99 -12.43
N VAL C 100 -20.50 -18.59 -13.11
CA VAL C 100 -19.09 -18.52 -12.76
C VAL C 100 -18.40 -17.80 -13.91
N LEU C 101 -17.89 -16.61 -13.61
CA LEU C 101 -17.22 -15.73 -14.54
C LEU C 101 -15.89 -15.34 -13.91
N PRO C 102 -14.96 -14.82 -14.69
CA PRO C 102 -13.72 -14.33 -14.08
C PRO C 102 -13.96 -13.10 -13.20
N MET C 103 -13.10 -12.96 -12.19
CA MET C 103 -13.13 -11.83 -11.28
C MET C 103 -12.05 -10.86 -11.73
N LEU C 104 -12.47 -9.66 -12.12
CA LEU C 104 -11.53 -8.59 -12.40
C LEU C 104 -11.51 -7.59 -11.26
N TYR C 105 -10.33 -7.05 -10.98
CA TYR C 105 -10.16 -6.06 -9.92
C TYR C 105 -9.27 -4.95 -10.46
N GLY C 106 -9.65 -3.70 -10.20
CA GLY C 106 -8.88 -2.55 -10.61
C GLY C 106 -9.32 -1.27 -9.91
N PRO C 107 -8.56 -0.19 -10.05
CA PRO C 107 -9.00 1.10 -9.49
C PRO C 107 -10.28 1.56 -10.16
N GLU C 108 -10.91 2.58 -9.58
CA GLU C 108 -12.35 2.75 -9.82
C GLU C 108 -12.67 3.17 -11.26
N GLY C 109 -11.79 3.92 -11.90
CA GLY C 109 -12.06 4.19 -13.29
C GLY C 109 -11.53 3.20 -14.32
N SER C 110 -10.92 2.08 -13.92
CA SER C 110 -10.01 1.37 -14.82
C SER C 110 -10.68 0.26 -15.57
N ALA C 111 -12.00 0.08 -15.35
CA ALA C 111 -12.68 -1.13 -15.80
C ALA C 111 -12.25 -1.51 -17.20
N ASN C 112 -12.31 -0.55 -18.10
CA ASN C 112 -11.98 -0.84 -19.48
C ASN C 112 -10.53 -1.30 -19.63
N GLU C 113 -9.62 -0.64 -18.89
CA GLU C 113 -8.18 -0.88 -19.02
C GLU C 113 -7.82 -2.28 -18.54
N VAL C 114 -8.42 -2.68 -17.43
CA VAL C 114 -8.19 -4.01 -16.90
C VAL C 114 -8.78 -5.04 -17.84
N LEU C 115 -9.95 -4.72 -18.39
CA LEU C 115 -10.64 -5.64 -19.29
C LEU C 115 -9.83 -5.92 -20.54
N GLN C 116 -9.17 -4.91 -21.11
CA GLN C 116 -8.34 -5.20 -22.26
C GLN C 116 -7.17 -6.07 -21.85
N GLY C 117 -6.55 -5.75 -20.71
CA GLY C 117 -5.57 -6.62 -20.09
C GLY C 117 -6.10 -8.03 -19.96
N TYR C 118 -7.24 -8.20 -19.29
CA TYR C 118 -7.83 -9.53 -19.21
C TYR C 118 -7.94 -10.13 -20.60
N ARG C 119 -8.29 -9.25 -21.54
CA ARG C 119 -8.60 -9.57 -22.93
C ARG C 119 -7.33 -9.72 -23.77
N GLU C 120 -6.18 -9.50 -23.18
CA GLU C 120 -4.96 -9.86 -23.87
C GLU C 120 -4.51 -11.22 -23.38
N MET C 121 -4.61 -11.41 -22.07
CA MET C 121 -3.71 -12.30 -21.40
C MET C 121 -4.12 -13.73 -21.59
N GLY C 122 -5.39 -14.01 -21.35
CA GLY C 122 -5.99 -15.33 -21.47
C GLY C 122 -5.90 -15.97 -22.86
N GLN C 123 -5.90 -15.17 -23.95
CA GLN C 123 -5.69 -15.73 -25.30
C GLN C 123 -4.35 -16.46 -25.34
N MET C 124 -3.33 -15.77 -24.89
CA MET C 124 -2.03 -16.39 -24.68
C MET C 124 -2.20 -17.66 -23.84
N LEU C 125 -2.89 -17.49 -22.72
CA LEU C 125 -3.14 -18.60 -21.82
C LEU C 125 -4.12 -19.62 -22.41
N ALA C 126 -5.19 -19.16 -23.08
CA ALA C 126 -6.08 -20.09 -23.77
C ALA C 126 -5.34 -20.87 -24.85
N LYS C 127 -4.38 -20.22 -25.50
CA LYS C 127 -3.63 -20.90 -26.54
C LYS C 127 -2.94 -22.15 -26.00
N ASP C 128 -2.83 -22.31 -24.68
CA ASP C 128 -2.28 -23.55 -24.09
C ASP C 128 -3.10 -24.07 -22.91
N ARG C 129 -4.43 -23.99 -22.99
CA ARG C 129 -5.36 -24.71 -22.11
C ARG C 129 -5.40 -24.18 -20.67
N PHE C 130 -4.75 -23.06 -20.40
CA PHE C 130 -4.93 -22.36 -19.15
C PHE C 130 -6.09 -21.40 -19.27
N THR C 131 -6.94 -21.35 -18.25
CA THR C 131 -8.01 -20.35 -18.21
C THR C 131 -7.84 -19.44 -17.01
N LEU C 132 -8.09 -18.14 -17.23
CA LEU C 132 -7.94 -17.11 -16.21
C LEU C 132 -9.15 -17.01 -15.28
N LYS C 133 -8.95 -17.32 -13.99
CA LYS C 133 -9.95 -17.13 -12.92
C LYS C 133 -10.06 -15.70 -12.43
N GLU C 134 -8.93 -15.08 -12.14
CA GLU C 134 -8.94 -13.74 -11.63
C GLU C 134 -7.82 -12.95 -12.29
N ALA C 135 -8.03 -11.65 -12.38
CA ALA C 135 -6.96 -10.75 -12.76
C ALA C 135 -7.13 -9.46 -11.96
N ALA C 136 -6.03 -8.99 -11.38
CA ALA C 136 -6.08 -7.82 -10.52
C ALA C 136 -5.00 -6.86 -10.96
N MET C 137 -5.43 -5.69 -11.45
CA MET C 137 -4.53 -4.57 -11.71
C MET C 137 -4.61 -3.54 -10.59
N THR C 138 -3.45 -3.07 -10.15
CA THR C 138 -3.32 -2.11 -9.06
C THR C 138 -3.19 -0.69 -9.59
N ALA C 139 -3.30 0.28 -8.68
CA ALA C 139 -3.10 1.68 -9.03
C ALA C 139 -1.79 1.90 -9.81
N ARG C 140 -0.65 1.51 -9.23
CA ARG C 140 0.57 1.62 -10.04
C ARG C 140 0.62 0.66 -11.24
N ARG C 141 -0.43 -0.11 -11.54
CA ARG C 141 -0.47 -0.95 -12.76
C ARG C 141 0.48 -2.16 -12.67
N SER C 142 0.59 -2.78 -11.49
CA SER C 142 1.15 -4.12 -11.38
C SER C 142 0.04 -5.16 -11.52
N TRP C 143 0.38 -6.33 -12.07
CA TRP C 143 -0.63 -7.31 -12.48
C TRP C 143 -0.46 -8.63 -11.73
N GLN C 144 -1.54 -9.10 -11.11
CA GLN C 144 -1.61 -10.35 -10.36
C GLN C 144 -2.71 -11.22 -10.94
N LEU C 145 -2.33 -12.33 -11.59
CA LEU C 145 -3.29 -13.26 -12.19
C LEU C 145 -3.40 -14.54 -11.38
N THR C 146 -4.59 -15.12 -11.34
CA THR C 146 -4.77 -16.46 -10.80
C THR C 146 -5.46 -17.32 -11.86
N LEU C 147 -4.89 -18.49 -12.14
CA LEU C 147 -5.41 -19.49 -13.08
C LEU C 147 -6.55 -20.35 -12.50
N ASN C 148 -7.22 -21.04 -13.43
CA ASN C 148 -8.19 -22.11 -13.11
C ASN C 148 -7.75 -23.00 -11.96
N ASN C 149 -6.54 -23.58 -12.07
CA ASN C 149 -5.87 -24.51 -11.19
C ASN C 149 -5.33 -23.87 -9.91
N ASP C 150 -5.67 -22.61 -9.67
CA ASP C 150 -5.23 -21.78 -8.55
C ASP C 150 -3.73 -21.46 -8.55
N ILE C 151 -2.96 -21.81 -9.59
CA ILE C 151 -1.62 -21.23 -9.79
C ILE C 151 -1.73 -19.71 -9.84
N LYS C 152 -0.98 -19.03 -8.97
CA LYS C 152 -0.90 -17.56 -8.95
C LYS C 152 0.27 -17.08 -9.79
N LEU C 153 0.02 -16.16 -10.70
CA LEU C 153 1.08 -15.55 -11.50
C LEU C 153 1.23 -14.08 -11.11
N ASN C 154 2.45 -13.69 -10.71
CA ASN C 154 2.72 -12.29 -10.43
C ASN C 154 3.56 -11.72 -11.56
N LEU C 155 2.98 -10.76 -12.28
CA LEU C 155 3.65 -10.19 -13.45
C LEU C 155 4.32 -8.85 -13.16
N GLY C 156 3.99 -8.18 -12.06
CA GLY C 156 4.47 -6.83 -11.76
C GLY C 156 4.10 -5.76 -12.77
N ARG C 157 5.01 -4.78 -12.91
CA ARG C 157 4.75 -3.53 -13.64
C ARG C 157 5.35 -3.49 -15.04
N GLY C 158 6.27 -4.37 -15.38
CA GLY C 158 7.01 -4.21 -16.62
C GLY C 158 6.26 -4.65 -17.86
N ASP C 159 6.95 -5.37 -18.76
CA ASP C 159 6.29 -6.00 -19.90
C ASP C 159 5.47 -7.17 -19.40
N THR C 160 4.16 -6.96 -19.27
CA THR C 160 3.33 -8.04 -18.76
C THR C 160 3.17 -9.14 -19.81
N MET C 161 3.09 -8.78 -21.09
CA MET C 161 2.93 -9.79 -22.13
C MET C 161 4.19 -10.66 -22.23
N LYS C 162 5.38 -10.05 -22.21
CA LYS C 162 6.60 -10.84 -22.33
C LYS C 162 6.71 -11.83 -21.20
N ARG C 163 6.30 -11.43 -19.99
CA ARG C 163 6.43 -12.30 -18.84
C ARG C 163 5.40 -13.41 -18.83
N LEU C 164 4.19 -13.12 -19.32
CA LEU C 164 3.20 -14.19 -19.41
C LEU C 164 3.57 -15.16 -20.52
N ALA C 165 4.14 -14.67 -21.62
CA ALA C 165 4.74 -15.55 -22.62
C ALA C 165 5.79 -16.46 -21.99
N ARG C 166 6.64 -15.89 -21.13
CA ARG C 166 7.62 -16.69 -20.41
C ARG C 166 6.95 -17.84 -19.66
N PHE C 167 5.87 -17.54 -18.94
CA PHE C 167 5.24 -18.58 -18.15
C PHE C 167 4.82 -19.75 -19.02
N VAL C 168 4.27 -19.46 -20.19
CA VAL C 168 3.77 -20.54 -21.03
C VAL C 168 4.94 -21.35 -21.59
N GLU C 169 6.01 -20.67 -22.01
CA GLU C 169 7.23 -21.33 -22.47
C GLU C 169 7.74 -22.34 -21.44
N LEU C 170 7.58 -22.02 -20.17
CA LEU C 170 8.10 -22.80 -19.05
C LEU C 170 7.20 -23.83 -18.47
N TYR C 171 5.89 -23.68 -18.61
CA TYR C 171 4.99 -24.49 -17.79
C TYR C 171 5.30 -25.97 -17.88
N PRO C 172 5.53 -26.57 -19.06
CA PRO C 172 5.84 -28.01 -19.09
C PRO C 172 6.92 -28.45 -18.11
N VAL C 173 8.10 -27.83 -18.15
CA VAL C 173 9.21 -28.26 -17.31
C VAL C 173 8.92 -28.02 -15.83
N LEU C 174 7.97 -27.13 -15.51
CA LEU C 174 7.62 -26.95 -14.10
C LEU C 174 6.80 -28.12 -13.56
N GLN C 175 5.81 -28.59 -14.31
CA GLN C 175 4.93 -29.61 -13.77
C GLN C 175 5.57 -30.98 -13.84
N GLN C 176 6.47 -31.21 -14.79
CA GLN C 176 7.30 -32.42 -14.70
C GLN C 176 8.17 -32.37 -13.45
N GLN C 177 8.70 -31.19 -13.12
CA GLN C 177 9.37 -31.01 -11.84
C GLN C 177 8.40 -31.20 -10.68
N ALA C 178 7.21 -30.63 -10.81
CA ALA C 178 6.22 -30.77 -9.74
C ALA C 178 5.76 -32.21 -9.61
N GLN C 179 5.57 -32.89 -10.75
CA GLN C 179 5.20 -34.30 -10.72
C GLN C 179 6.22 -35.13 -9.96
N THR C 180 7.47 -35.11 -10.43
CA THR C 180 8.59 -35.79 -9.77
C THR C 180 8.56 -35.65 -8.25
N ASP C 181 8.66 -34.41 -7.76
CA ASP C 181 8.76 -34.15 -6.33
C ASP C 181 7.42 -34.22 -5.62
N GLY C 182 6.37 -34.62 -6.32
CA GLY C 182 5.07 -34.77 -5.70
C GLY C 182 4.63 -33.51 -4.99
N LYS C 183 4.50 -32.42 -5.74
CA LYS C 183 4.23 -31.10 -5.22
C LYS C 183 3.46 -30.32 -6.28
N ARG C 184 2.60 -29.41 -5.86
CA ARG C 184 1.87 -28.57 -6.81
C ARG C 184 2.59 -27.24 -7.01
N ILE C 185 2.38 -26.63 -8.18
CA ILE C 185 2.81 -25.24 -8.39
C ILE C 185 1.89 -24.34 -7.59
N SER C 186 2.48 -23.50 -6.74
CA SER C 186 1.69 -22.56 -5.96
C SER C 186 1.65 -21.19 -6.60
N TYR C 187 2.80 -20.65 -6.99
CA TYR C 187 2.84 -19.39 -7.70
C TYR C 187 4.10 -19.31 -8.55
N VAL C 188 4.06 -18.44 -9.56
CA VAL C 188 5.24 -18.14 -10.36
C VAL C 188 5.39 -16.63 -10.47
N ASP C 189 6.52 -16.13 -9.99
CA ASP C 189 6.82 -14.70 -9.98
C ASP C 189 7.75 -14.42 -11.15
N LEU C 190 7.29 -13.60 -12.10
CA LEU C 190 8.06 -13.27 -13.30
C LEU C 190 8.53 -11.82 -13.33
N ARG C 191 8.67 -11.20 -12.17
CA ARG C 191 9.22 -9.85 -12.10
C ARG C 191 10.74 -9.90 -12.18
N TYR C 192 11.24 -10.36 -13.34
CA TYR C 192 12.66 -10.57 -13.60
C TYR C 192 12.93 -10.28 -15.07
N ASP C 193 14.21 -10.01 -15.38
CA ASP C 193 14.59 -9.74 -16.77
C ASP C 193 14.17 -10.89 -17.68
N SER C 194 14.63 -12.11 -17.38
CA SER C 194 14.40 -13.23 -18.28
C SER C 194 14.03 -14.51 -17.54
N GLY C 195 13.87 -14.46 -16.22
CA GLY C 195 13.65 -15.66 -15.45
C GLY C 195 12.37 -15.68 -14.67
N ALA C 196 12.22 -16.66 -13.78
CA ALA C 196 11.01 -16.80 -12.98
C ALA C 196 11.32 -17.59 -11.70
N ALA C 197 10.67 -17.20 -10.61
CA ALA C 197 10.74 -17.90 -9.35
C ALA C 197 9.44 -18.67 -9.09
N VAL C 198 9.56 -19.93 -8.66
CA VAL C 198 8.38 -20.78 -8.47
C VAL C 198 8.27 -21.19 -7.01
N GLY C 199 7.12 -20.89 -6.42
CA GLY C 199 6.80 -21.34 -5.08
C GLY C 199 5.93 -22.61 -5.16
N TRP C 200 6.23 -23.56 -4.29
CA TRP C 200 5.52 -24.83 -4.29
C TRP C 200 4.68 -24.99 -3.03
N ALA C 201 3.71 -25.90 -3.11
CA ALA C 201 2.85 -26.29 -2.01
C ALA C 201 2.73 -27.81 -1.99
N PRO C 202 2.33 -28.37 -0.84
CA PRO C 202 1.97 -29.81 -0.80
C PRO C 202 0.74 -30.16 -1.64
N LEU C 203 0.65 -31.46 -2.02
CA LEU C 203 -0.50 -31.94 -2.77
C LEU C 203 -1.74 -32.00 -1.88
N PRO C 204 -2.92 -31.65 -2.41
CA PRO C 204 -4.14 -31.59 -1.61
C PRO C 204 -4.76 -32.97 -1.46
N GLN D 1 8.59 -2.29 1.36
CA GLN D 1 7.63 -3.21 1.93
C GLN D 1 7.30 -4.37 0.96
N GLU D 2 6.33 -4.18 0.05
CA GLU D 2 6.21 -4.89 -1.23
C GLU D 2 6.93 -4.15 -2.33
N ALA D 3 6.98 -2.82 -2.21
CA ALA D 3 7.86 -2.05 -3.06
C ALA D 3 9.25 -2.64 -3.07
N LEU D 4 9.72 -3.06 -1.89
CA LEU D 4 11.04 -3.65 -1.72
C LEU D 4 11.14 -4.98 -2.45
N GLU D 5 10.19 -5.89 -2.20
CA GLU D 5 10.18 -7.17 -2.92
C GLU D 5 10.19 -6.98 -4.43
N GLU D 6 9.29 -6.14 -4.96
CA GLU D 6 9.32 -5.85 -6.40
C GLU D 6 10.72 -5.45 -6.86
N ARG D 7 11.35 -4.55 -6.11
CA ARG D 7 12.65 -4.08 -6.55
C ARG D 7 13.68 -5.18 -6.42
N ALA D 8 13.74 -5.80 -5.23
CA ALA D 8 14.65 -6.91 -4.97
C ALA D 8 14.63 -7.97 -6.06
N ARG D 9 13.44 -8.38 -6.50
CA ARG D 9 13.39 -9.40 -7.53
C ARG D 9 13.82 -8.84 -8.87
N ASN D 10 13.37 -7.64 -9.20
CA ASN D 10 13.57 -7.13 -10.55
C ASN D 10 15.01 -6.65 -10.78
N GLU D 11 15.57 -5.88 -9.85
CA GLU D 11 16.84 -5.21 -10.09
C GLU D 11 18.03 -6.13 -9.82
N LEU D 12 18.05 -6.76 -8.65
CA LEU D 12 18.90 -7.92 -8.39
C LEU D 12 18.08 -9.16 -8.68
N SER D 13 18.69 -10.19 -9.22
CA SER D 13 17.79 -11.31 -9.54
C SER D 13 17.56 -12.21 -8.35
N THR D 15 15.58 -14.29 -5.12
CA THR D 15 14.37 -15.10 -4.86
C THR D 15 14.16 -15.20 -3.35
N ARG D 16 12.96 -15.54 -2.91
CA ARG D 16 12.90 -15.77 -1.46
C ARG D 16 13.15 -17.25 -1.17
N PRO D 17 13.43 -17.64 0.09
CA PRO D 17 13.88 -19.03 0.31
C PRO D 17 12.71 -20.00 0.19
N GLY D 18 12.96 -21.09 -0.52
CA GLY D 18 11.91 -22.05 -0.79
C GLY D 18 11.29 -21.92 -2.15
N GLU D 19 11.93 -21.16 -3.04
CA GLU D 19 11.50 -21.04 -4.42
C GLU D 19 12.58 -21.59 -5.33
N THR D 20 12.17 -22.04 -6.50
CA THR D 20 13.12 -22.47 -7.51
C THR D 20 13.12 -21.43 -8.62
N PHE D 21 14.32 -21.10 -9.09
CA PHE D 21 14.51 -20.07 -10.09
C PHE D 21 14.84 -20.74 -11.42
N TYR D 22 14.18 -20.30 -12.48
CA TYR D 22 14.40 -20.78 -13.83
C TYR D 22 14.68 -19.56 -14.68
N ARG D 23 15.67 -19.65 -15.57
CA ARG D 23 15.94 -18.57 -16.51
C ARG D 23 15.76 -19.02 -17.95
N LEU D 24 15.49 -18.05 -18.82
CA LEU D 24 15.26 -18.31 -20.23
C LEU D 24 16.29 -17.54 -21.03
#